data_5MEW
#
_entry.id   5MEW
#
_cell.length_a   56.380
_cell.length_b   84.400
_cell.length_c   112.490
_cell.angle_alpha   90.00
_cell.angle_beta   90.00
_cell.angle_gamma   90.00
#
_symmetry.space_group_name_H-M   'P 21 21 21'
#
loop_
_entity.id
_entity.type
_entity.pdbx_description
1 polymer 'Laccase 2'
2 branched beta-D-mannopyranose-(1-4)-2-acetamido-2-deoxy-beta-D-glucopyranose-(1-4)-2-acetamido-2-deoxy-beta-D-glucopyranose
3 non-polymer 'COPPER (II) ION'
4 non-polymer 'OXYGEN MOLECULE'
5 non-polymer 'CITRIC ACID'
6 non-polymer 'SODIUM ION'
7 water water
#
_entity_poly.entity_id   1
_entity_poly.type   'polypeptide(L)'
_entity_poly.pdbx_seq_one_letter_code
;AQIGPVTDLHITNANISPDGFSRPAVLAGGTFPGPTIAGNTGDNFQITVFNDLTDPSMLTDTSIHWHGLFQKGTNWADGP
AFVTQCPIITGQSFDYNFNVPGQAGTFWYHSHLSTQYCDGLRGPFVVYDPNDPNASLYDVDDDTTIITLADWYHTLAQQE
PIGAAITADATLINGLGRSFTNTTASPLSVITVQSGKRYRMRLVSISCDPNYLFSIDGHDMTIIEVDGVNSQQLTVDQIQ
IFAAQRYSFVLNANQPVGNYWIRAQPNSGGQGFDGGINSAILRYEGATVEDPTTTAPTTFSNPLVETDLHPLADLGVPGQ
PFRGGADDPLVLNLAFANGRFSIDGVSFVPPTVPVLLQILSGAQNAQDLLPAGSVISLPSNSVIEVALPAGAAGGPHPFH
LHGHNFAVVQSANNATPNYVNPIWRDTVSIGGTGDNVTIRFTTNNPGPWFLHCHIDWHLEAGFAIVFAEDIPDTASANPV
PQAWSDLCPAYDQAHNISA
;
_entity_poly.pdbx_strand_id   A
#
loop_
_chem_comp.id
_chem_comp.type
_chem_comp.name
_chem_comp.formula
BMA D-saccharide, beta linking beta-D-mannopyranose 'C6 H12 O6'
CIT non-polymer 'CITRIC ACID' 'C6 H8 O7'
CU non-polymer 'COPPER (II) ION' 'Cu 2'
NA non-polymer 'SODIUM ION' 'Na 1'
NAG D-saccharide, beta linking 2-acetamido-2-deoxy-beta-D-glucopyranose 'C8 H15 N O6'
OXY non-polymer 'OXYGEN MOLECULE' O2
#
# COMPACT_ATOMS: atom_id res chain seq x y z
N ALA A 1 -7.91 7.39 -19.44
CA ALA A 1 -6.68 6.88 -20.06
C ALA A 1 -5.63 6.63 -18.97
N GLN A 2 -4.75 5.66 -19.21
CA GLN A 2 -3.56 5.47 -18.35
C GLN A 2 -2.48 6.45 -18.79
N ILE A 3 -1.55 6.80 -17.93
CA ILE A 3 -0.44 7.69 -18.23
C ILE A 3 0.87 6.99 -17.94
N GLY A 4 1.94 7.42 -18.54
CA GLY A 4 3.24 6.80 -18.32
C GLY A 4 3.64 5.89 -19.45
N PRO A 5 4.86 5.31 -19.38
CA PRO A 5 5.77 5.40 -18.22
C PRO A 5 6.49 6.74 -18.01
N VAL A 6 6.52 7.56 -19.07
CA VAL A 6 7.08 8.94 -18.99
C VAL A 6 5.90 9.94 -18.98
N THR A 7 5.73 10.67 -17.88
CA THR A 7 4.61 11.59 -17.73
C THR A 7 4.92 12.62 -16.68
N ASP A 8 4.28 13.80 -16.80
CA ASP A 8 4.11 14.74 -15.73
C ASP A 8 2.97 14.25 -14.82
N LEU A 9 3.00 14.72 -13.57
CA LEU A 9 1.91 14.44 -12.61
C LEU A 9 1.82 15.65 -11.74
N HIS A 10 0.69 16.37 -11.86
CA HIS A 10 0.49 17.57 -11.01
C HIS A 10 -0.25 17.19 -9.72
N ILE A 11 0.18 17.74 -8.61
CA ILE A 11 -0.37 17.54 -7.30
C ILE A 11 -1.05 18.86 -6.88
N THR A 12 -2.37 18.83 -6.73
CA THR A 12 -3.16 20.06 -6.53
C THR A 12 -4.09 19.90 -5.37
N ASN A 13 -4.63 21.03 -4.87
CA ASN A 13 -5.80 21.04 -4.02
C ASN A 13 -7.06 21.29 -4.77
N ALA A 14 -8.14 20.60 -4.40
CA ALA A 14 -9.47 20.80 -5.01
C ALA A 14 -10.52 20.25 -4.08
N ASN A 15 -11.76 20.75 -4.21
CA ASN A 15 -12.91 20.16 -3.55
C ASN A 15 -13.41 18.95 -4.31
N ILE A 16 -13.76 17.91 -3.54
CA ILE A 16 -14.41 16.70 -4.10
C ILE A 16 -15.52 16.26 -3.16
N SER A 17 -16.43 15.48 -3.73
CA SER A 17 -17.59 14.96 -2.98
C SER A 17 -17.90 13.50 -3.30
N PRO A 18 -16.99 12.59 -2.97
CA PRO A 18 -17.08 11.19 -3.48
C PRO A 18 -18.23 10.41 -2.82
N ASP A 19 -18.74 10.91 -1.68
CA ASP A 19 -19.86 10.31 -0.93
C ASP A 19 -20.96 11.34 -0.74
N GLY A 20 -20.94 12.39 -1.56
CA GLY A 20 -21.95 13.46 -1.45
C GLY A 20 -21.56 14.58 -0.49
N PHE A 21 -20.52 14.42 0.30
CA PHE A 21 -20.08 15.46 1.28
C PHE A 21 -18.86 16.18 0.67
N SER A 22 -18.89 17.49 0.53
CA SER A 22 -17.77 18.23 -0.05
C SER A 22 -16.72 18.55 0.96
N ARG A 23 -15.47 18.24 0.58
CA ARG A 23 -14.28 18.63 1.35
C ARG A 23 -13.11 18.88 0.39
N PRO A 24 -12.14 19.70 0.85
CA PRO A 24 -10.94 19.87 0.06
C PRO A 24 -10.03 18.62 0.23
N ALA A 25 -9.20 18.45 -0.77
CA ALA A 25 -8.32 17.27 -0.89
C ALA A 25 -6.98 17.63 -1.49
N VAL A 26 -6.08 16.63 -1.44
CA VAL A 26 -4.78 16.60 -2.13
C VAL A 26 -4.86 15.58 -3.25
N LEU A 27 -4.80 15.99 -4.50
CA LEU A 27 -5.04 15.10 -5.60
C LEU A 27 -3.89 15.03 -6.54
N ALA A 28 -3.63 13.83 -7.05
CA ALA A 28 -2.81 13.64 -8.25
C ALA A 28 -3.66 13.62 -9.48
N GLY A 29 -3.27 14.39 -10.54
CA GLY A 29 -4.02 14.35 -11.78
C GLY A 29 -5.46 14.81 -11.70
N GLY A 30 -5.78 15.58 -10.68
CA GLY A 30 -7.13 16.18 -10.57
C GLY A 30 -8.23 15.24 -10.17
N THR A 31 -7.98 13.97 -9.81
CA THR A 31 -9.03 13.01 -9.48
C THR A 31 -8.71 12.23 -8.22
N PHE A 32 -9.76 11.65 -7.63
CA PHE A 32 -9.65 10.63 -6.59
C PHE A 32 -10.32 9.34 -7.05
N PRO A 33 -9.60 8.21 -7.06
CA PRO A 33 -8.13 8.13 -6.96
C PRO A 33 -7.48 8.82 -8.13
N GLY A 34 -6.17 8.99 -8.00
CA GLY A 34 -5.38 9.56 -9.10
C GLY A 34 -5.40 8.65 -10.35
N PRO A 35 -4.95 9.16 -11.48
CA PRO A 35 -4.89 8.35 -12.72
C PRO A 35 -3.95 7.16 -12.54
N THR A 36 -4.22 6.12 -13.29
CA THR A 36 -3.35 4.94 -13.30
C THR A 36 -2.06 5.30 -14.05
N ILE A 37 -0.93 5.05 -13.40
CA ILE A 37 0.40 5.12 -14.08
C ILE A 37 0.72 3.71 -14.50
N ALA A 38 1.11 3.51 -15.75
CA ALA A 38 1.34 2.16 -16.29
C ALA A 38 2.47 2.10 -17.25
N GLY A 39 3.01 0.91 -17.35
CA GLY A 39 4.06 0.57 -18.32
C GLY A 39 4.19 -0.91 -18.40
N ASN A 40 5.25 -1.35 -19.07
CA ASN A 40 5.59 -2.76 -19.17
C ASN A 40 6.80 -3.10 -18.31
N THR A 41 6.93 -4.38 -17.93
CA THR A 41 8.08 -4.84 -17.18
C THR A 41 9.39 -4.39 -17.79
N GLY A 42 10.34 -3.95 -16.96
CA GLY A 42 11.62 -3.44 -17.41
C GLY A 42 11.62 -2.03 -17.95
N ASP A 43 10.48 -1.34 -18.04
CA ASP A 43 10.47 0.01 -18.57
C ASP A 43 11.17 1.03 -17.64
N ASN A 44 11.63 2.12 -18.25
CA ASN A 44 12.07 3.29 -17.55
C ASN A 44 10.86 4.18 -17.27
N PHE A 45 10.50 4.37 -16.01
CA PHE A 45 9.49 5.35 -15.61
C PHE A 45 10.19 6.65 -15.30
N GLN A 46 9.63 7.75 -15.84
CA GLN A 46 10.08 9.10 -15.43
C GLN A 46 8.83 9.88 -15.12
N ILE A 47 8.51 9.98 -13.83
CA ILE A 47 7.27 10.63 -13.39
C ILE A 47 7.78 11.95 -12.81
N THR A 48 7.54 13.04 -13.54
CA THR A 48 7.90 14.38 -13.09
C THR A 48 6.76 14.97 -12.32
N VAL A 49 6.93 15.00 -10.99
CA VAL A 49 5.92 15.38 -10.05
C VAL A 49 6.02 16.89 -9.80
N PHE A 50 4.92 17.57 -10.14
CA PHE A 50 4.80 19.05 -9.98
C PHE A 50 3.99 19.30 -8.73
N ASN A 51 4.64 19.84 -7.69
CA ASN A 51 3.97 20.17 -6.45
C ASN A 51 3.28 21.55 -6.59
N ASP A 52 1.98 21.58 -6.78
CA ASP A 52 1.21 22.83 -6.96
C ASP A 52 0.34 23.05 -5.75
N LEU A 53 0.64 22.52 -4.58
CA LEU A 53 -0.20 22.61 -3.41
C LEU A 53 -0.07 23.98 -2.72
N THR A 54 -1.20 24.56 -2.28
CA THR A 54 -1.22 25.85 -1.57
C THR A 54 -1.98 25.84 -0.28
N ASP A 55 -2.74 24.77 0.05
CA ASP A 55 -3.53 24.77 1.26
C ASP A 55 -2.76 24.18 2.46
N PRO A 56 -2.31 24.97 3.44
CA PRO A 56 -1.43 24.44 4.48
C PRO A 56 -2.15 23.41 5.39
N SER A 57 -3.46 23.37 5.35
CA SER A 57 -4.21 22.45 6.26
C SER A 57 -3.97 20.98 5.84
N MET A 58 -3.49 20.74 4.62
CA MET A 58 -3.12 19.35 4.21
C MET A 58 -1.66 19.21 3.86
N LEU A 59 -0.85 20.24 4.21
CA LEU A 59 0.60 20.35 3.99
C LEU A 59 0.87 20.75 2.57
N THR A 60 1.68 21.78 2.36
CA THR A 60 2.01 22.22 1.01
C THR A 60 3.26 21.54 0.42
N ASP A 61 3.98 20.79 1.24
CA ASP A 61 5.09 19.93 0.75
C ASP A 61 4.51 18.59 0.32
N THR A 62 5.29 17.81 -0.44
CA THR A 62 4.86 16.44 -0.78
C THR A 62 6.02 15.57 -1.13
N SER A 63 5.78 14.24 -1.15
CA SER A 63 6.80 13.26 -1.60
C SER A 63 6.00 12.02 -2.00
N ILE A 64 6.38 11.34 -3.09
CA ILE A 64 5.55 10.21 -3.59
C ILE A 64 6.35 8.95 -3.60
N HIS A 65 5.74 7.87 -3.04
CA HIS A 65 6.30 6.50 -3.05
C HIS A 65 5.57 5.63 -4.04
N TRP A 66 6.35 4.75 -4.70
CA TRP A 66 5.91 3.84 -5.73
C TRP A 66 5.85 2.48 -5.03
N HIS A 67 4.67 2.15 -4.47
CA HIS A 67 4.60 1.07 -3.51
C HIS A 67 4.76 -0.29 -4.14
N GLY A 68 5.81 -0.99 -3.69
CA GLY A 68 6.11 -2.36 -4.12
C GLY A 68 7.20 -2.42 -5.17
N LEU A 69 7.65 -1.30 -5.73
CA LEU A 69 8.73 -1.32 -6.74
C LEU A 69 10.04 -1.24 -5.99
N PHE A 70 11.00 -2.11 -6.37
CA PHE A 70 12.19 -2.33 -5.55
C PHE A 70 13.22 -1.18 -5.54
N GLN A 71 13.24 -0.36 -6.61
CA GLN A 71 14.13 0.80 -6.67
C GLN A 71 15.59 0.43 -6.55
N LYS A 72 16.00 -0.74 -7.10
CA LYS A 72 17.39 -1.17 -6.98
C LYS A 72 18.31 -0.20 -7.76
N GLY A 73 19.28 0.40 -7.03
CA GLY A 73 20.14 1.42 -7.59
C GLY A 73 19.55 2.80 -7.67
N THR A 74 18.29 2.97 -7.26
CA THR A 74 17.58 4.21 -7.29
C THR A 74 16.87 4.44 -5.95
N ASN A 75 17.55 4.18 -4.84
CA ASN A 75 16.92 4.36 -3.52
C ASN A 75 16.44 5.77 -3.32
N TRP A 76 17.16 6.75 -3.92
CA TRP A 76 16.78 8.16 -3.85
C TRP A 76 15.42 8.50 -4.41
N ALA A 77 14.86 7.61 -5.24
CA ALA A 77 13.55 7.81 -5.87
C ALA A 77 12.41 7.10 -5.14
N ASP A 78 12.68 6.47 -3.99
CA ASP A 78 11.69 5.64 -3.32
C ASP A 78 10.55 6.45 -2.73
N GLY A 79 10.83 7.68 -2.27
CA GLY A 79 9.79 8.55 -1.79
C GLY A 79 9.54 8.75 -0.29
N PRO A 80 9.88 7.87 0.65
CA PRO A 80 9.50 8.15 2.05
C PRO A 80 10.24 9.39 2.60
N ALA A 81 9.46 10.35 3.07
CA ALA A 81 10.06 11.62 3.54
C ALA A 81 10.96 11.34 4.72
N PHE A 82 12.17 11.94 4.66
CA PHE A 82 13.18 11.87 5.72
C PHE A 82 13.81 10.52 5.88
N VAL A 83 13.51 9.59 4.94
CA VAL A 83 14.22 8.30 4.85
C VAL A 83 15.05 8.35 3.57
N THR A 84 14.45 8.64 2.41
CA THR A 84 15.18 8.70 1.15
C THR A 84 15.23 10.07 0.51
N GLN A 85 14.44 11.04 0.98
CA GLN A 85 14.52 12.41 0.43
C GLN A 85 13.97 13.41 1.40
N CYS A 86 14.31 14.71 1.19
CA CYS A 86 13.48 15.73 1.74
C CYS A 86 12.29 15.96 0.83
N PRO A 87 11.14 16.44 1.39
CA PRO A 87 9.95 16.72 0.55
C PRO A 87 10.23 17.74 -0.56
N ILE A 88 9.48 17.65 -1.63
CA ILE A 88 9.37 18.65 -2.69
C ILE A 88 8.53 19.79 -2.16
N ILE A 89 9.01 21.05 -2.35
CA ILE A 89 8.26 22.23 -1.87
C ILE A 89 7.36 22.73 -2.97
N THR A 90 6.36 23.52 -2.51
CA THR A 90 5.39 24.01 -3.47
C THR A 90 6.03 24.93 -4.53
N GLY A 91 5.51 24.85 -5.72
CA GLY A 91 6.02 25.55 -6.88
C GLY A 91 7.23 24.94 -7.52
N GLN A 92 7.68 23.77 -7.03
CA GLN A 92 8.84 23.03 -7.58
C GLN A 92 8.38 21.68 -8.12
N SER A 93 9.25 21.05 -8.90
CA SER A 93 8.98 19.74 -9.47
C SER A 93 10.17 18.85 -9.30
N PHE A 94 9.97 17.53 -9.52
CA PHE A 94 11.05 16.54 -9.28
C PHE A 94 10.77 15.33 -10.13
N ASP A 95 11.77 14.87 -10.90
CA ASP A 95 11.66 13.74 -11.73
C ASP A 95 12.09 12.45 -11.02
N TYR A 96 11.09 11.63 -10.69
CA TYR A 96 11.31 10.27 -10.21
C TYR A 96 11.57 9.38 -11.43
N ASN A 97 12.87 9.10 -11.63
CA ASN A 97 13.42 8.43 -12.81
C ASN A 97 14.02 7.10 -12.40
N PHE A 98 13.28 6.04 -12.66
CA PHE A 98 13.71 4.70 -12.21
C PHE A 98 13.30 3.66 -13.21
N ASN A 99 13.73 2.42 -12.98
CA ASN A 99 13.41 1.31 -13.87
C ASN A 99 12.74 0.19 -13.07
N VAL A 100 11.98 -0.66 -13.73
CA VAL A 100 11.30 -1.78 -13.08
C VAL A 100 11.73 -3.14 -13.69
N PRO A 101 13.04 -3.43 -13.56
CA PRO A 101 13.46 -4.77 -14.01
C PRO A 101 12.89 -5.88 -13.16
N GLY A 102 12.51 -7.00 -13.78
CA GLY A 102 12.14 -8.17 -13.07
C GLY A 102 10.86 -8.10 -12.24
N GLN A 103 10.04 -7.09 -12.43
CA GLN A 103 8.75 -6.95 -11.70
C GLN A 103 7.64 -6.77 -12.73
N ALA A 104 6.49 -7.37 -12.47
CA ALA A 104 5.28 -7.18 -13.29
C ALA A 104 4.13 -7.58 -12.38
N GLY A 105 3.15 -6.71 -12.30
CA GLY A 105 2.03 -6.90 -11.42
C GLY A 105 1.30 -5.61 -11.11
N THR A 106 0.55 -5.68 -10.03
CA THR A 106 -0.34 -4.61 -9.58
C THR A 106 0.26 -3.89 -8.36
N PHE A 107 0.50 -2.61 -8.54
CA PHE A 107 1.12 -1.74 -7.52
C PHE A 107 0.23 -0.50 -7.30
N TRP A 108 0.77 0.49 -6.56
CA TRP A 108 0.05 1.76 -6.38
C TRP A 108 1.05 2.81 -6.02
N TYR A 109 0.63 4.06 -6.08
CA TYR A 109 1.49 5.21 -5.65
C TYR A 109 0.69 6.03 -4.65
N HIS A 110 1.44 6.67 -3.73
CA HIS A 110 0.79 7.45 -2.68
C HIS A 110 1.77 8.45 -2.11
N SER A 111 1.23 9.54 -1.55
CA SER A 111 2.09 10.41 -0.73
C SER A 111 2.74 9.61 0.37
N HIS A 112 3.98 9.95 0.70
CA HIS A 112 4.73 9.36 1.79
C HIS A 112 5.31 10.44 2.70
N LEU A 113 4.50 11.49 2.87
CA LEU A 113 4.74 12.55 3.87
C LEU A 113 3.61 12.53 4.90
N SER A 114 3.92 12.38 6.18
CA SER A 114 2.92 12.46 7.24
C SER A 114 1.74 11.54 6.88
N THR A 115 0.51 12.02 7.07
CA THR A 115 -0.73 11.29 6.73
C THR A 115 -1.38 11.86 5.48
N GLN A 116 -0.58 12.53 4.66
CA GLN A 116 -1.08 13.22 3.50
C GLN A 116 -1.81 12.30 2.49
N TYR A 117 -1.37 11.03 2.37
CA TYR A 117 -2.11 10.21 1.34
C TYR A 117 -3.58 10.00 1.74
N CYS A 118 -3.87 10.07 3.04
CA CYS A 118 -5.27 9.95 3.46
C CYS A 118 -6.14 11.09 2.84
N ASP A 119 -5.53 12.28 2.68
CA ASP A 119 -6.23 13.47 2.13
C ASP A 119 -6.39 13.38 0.64
N GLY A 120 -5.91 12.30 -0.06
CA GLY A 120 -6.35 12.00 -1.42
C GLY A 120 -5.28 11.55 -2.42
N LEU A 121 -4.00 11.66 -2.05
CA LEU A 121 -2.91 11.44 -3.00
C LEU A 121 -2.60 9.93 -3.04
N ARG A 122 -3.38 9.21 -3.86
CA ARG A 122 -3.29 7.73 -3.94
C ARG A 122 -3.82 7.33 -5.31
N GLY A 123 -3.15 6.44 -6.02
CA GLY A 123 -3.66 5.95 -7.29
C GLY A 123 -3.02 4.63 -7.67
N PRO A 124 -3.57 3.92 -8.69
CA PRO A 124 -2.98 2.64 -9.12
C PRO A 124 -1.75 2.81 -9.97
N PHE A 125 -0.89 1.75 -9.95
CA PHE A 125 0.39 1.73 -10.71
C PHE A 125 0.54 0.31 -11.25
N VAL A 126 0.38 0.11 -12.56
CA VAL A 126 0.35 -1.27 -13.11
C VAL A 126 1.48 -1.49 -14.07
N VAL A 127 2.24 -2.57 -13.82
CA VAL A 127 3.36 -2.98 -14.70
C VAL A 127 2.91 -4.24 -15.41
N TYR A 128 2.51 -4.13 -16.68
CA TYR A 128 2.07 -5.25 -17.48
C TYR A 128 3.23 -6.13 -17.96
N ASP A 129 2.89 -7.38 -18.22
CA ASP A 129 3.87 -8.38 -18.72
C ASP A 129 3.41 -8.84 -20.12
N PRO A 130 4.18 -8.43 -21.17
CA PRO A 130 3.81 -8.87 -22.54
C PRO A 130 3.86 -10.34 -22.71
N ASN A 131 4.54 -11.08 -21.84
CA ASN A 131 4.64 -12.53 -21.89
C ASN A 131 4.05 -13.13 -20.62
N ASP A 132 3.00 -12.49 -20.07
CA ASP A 132 2.46 -12.92 -18.78
C ASP A 132 2.17 -14.41 -18.75
N PRO A 133 2.67 -15.20 -17.78
CA PRO A 133 2.34 -16.64 -17.77
C PRO A 133 0.89 -16.90 -17.49
N ASN A 134 0.11 -15.92 -16.94
CA ASN A 134 -1.29 -16.06 -16.70
C ASN A 134 -2.18 -15.53 -17.86
N ALA A 135 -1.57 -15.09 -18.97
CA ALA A 135 -2.38 -14.40 -20.01
C ALA A 135 -3.54 -15.22 -20.54
N SER A 136 -3.39 -16.51 -20.66
CA SER A 136 -4.44 -17.38 -21.22
C SER A 136 -5.60 -17.62 -20.31
N LEU A 137 -5.55 -17.11 -19.04
CA LEU A 137 -6.64 -17.29 -18.10
C LEU A 137 -7.77 -16.24 -18.17
N TYR A 138 -7.61 -15.23 -19.01
CA TYR A 138 -8.61 -14.18 -19.15
C TYR A 138 -8.54 -13.54 -20.49
N ASP A 139 -9.63 -12.80 -20.78
CA ASP A 139 -9.79 -12.06 -22.03
C ASP A 139 -9.48 -10.58 -21.96
N VAL A 140 -9.81 -9.96 -20.84
CA VAL A 140 -9.77 -8.48 -20.73
C VAL A 140 -8.92 -8.09 -19.48
N ASP A 141 -8.01 -7.17 -19.67
CA ASP A 141 -7.14 -6.66 -18.58
C ASP A 141 -6.76 -5.25 -18.99
N ASP A 142 -7.40 -4.25 -18.38
CA ASP A 142 -7.16 -2.86 -18.82
C ASP A 142 -7.59 -1.90 -17.71
N ASP A 143 -7.69 -0.59 -17.99
CA ASP A 143 -8.00 0.33 -16.90
C ASP A 143 -9.38 0.08 -16.29
N THR A 144 -10.29 -0.53 -17.06
CA THR A 144 -11.67 -0.83 -16.64
C THR A 144 -11.74 -2.04 -15.68
N THR A 145 -10.64 -2.79 -15.55
CA THR A 145 -10.62 -3.95 -14.68
C THR A 145 -9.82 -3.72 -13.37
N ILE A 146 -9.42 -2.48 -13.12
CA ILE A 146 -8.81 -2.10 -11.84
C ILE A 146 -9.91 -1.76 -10.87
N ILE A 147 -9.86 -2.30 -9.65
CA ILE A 147 -10.83 -2.03 -8.61
C ILE A 147 -10.10 -1.51 -7.41
N THR A 148 -10.29 -0.25 -7.04
CA THR A 148 -9.67 0.32 -5.84
C THR A 148 -10.63 0.33 -4.68
N LEU A 149 -10.09 0.04 -3.48
CA LEU A 149 -10.85 0.12 -2.22
C LEU A 149 -10.21 1.19 -1.34
N ALA A 150 -11.00 2.17 -0.90
CA ALA A 150 -10.49 3.31 -0.15
C ALA A 150 -11.36 3.66 1.02
N ASP A 151 -10.74 4.03 2.14
CA ASP A 151 -11.34 4.74 3.24
C ASP A 151 -11.36 6.23 2.99
N TRP A 152 -12.43 6.93 3.40
CA TRP A 152 -12.55 8.37 3.15
C TRP A 152 -13.08 9.01 4.40
N TYR A 153 -12.46 10.15 4.73
CA TYR A 153 -12.71 10.87 5.98
C TYR A 153 -13.27 12.25 5.71
N HIS A 154 -14.26 12.69 6.51
CA HIS A 154 -14.74 14.08 6.38
C HIS A 154 -13.80 15.06 7.11
N THR A 155 -13.18 14.67 8.19
CA THR A 155 -12.18 15.46 8.88
C THR A 155 -10.84 15.37 8.13
N LEU A 156 -10.15 16.48 7.95
CA LEU A 156 -8.82 16.52 7.34
C LEU A 156 -7.81 15.80 8.22
N ALA A 157 -6.86 15.09 7.56
CA ALA A 157 -5.87 14.24 8.28
C ALA A 157 -5.11 14.98 9.35
N GLN A 158 -4.65 16.21 9.06
CA GLN A 158 -3.86 16.96 10.04
C GLN A 158 -4.73 17.43 11.21
N GLN A 159 -5.99 17.05 11.24
N GLN A 159 -6.07 17.56 10.96
CA GLN A 159 -6.81 17.27 12.41
CA GLN A 159 -7.10 18.15 11.88
C GLN A 159 -7.13 15.98 13.18
C GLN A 159 -7.84 17.06 12.73
N GLU A 160 -6.50 14.86 12.78
N GLU A 160 -7.40 15.82 12.63
CA GLU A 160 -6.68 13.57 13.48
CA GLU A 160 -8.00 14.76 13.47
C GLU A 160 -5.67 13.41 14.66
C GLU A 160 -7.61 15.08 14.91
N PRO A 161 -6.17 13.26 15.89
N PRO A 161 -8.61 15.30 15.80
CA PRO A 161 -5.21 13.11 16.99
CA PRO A 161 -8.33 15.73 17.22
C PRO A 161 -4.20 11.97 16.82
C PRO A 161 -7.31 14.87 17.97
N ILE A 162 -2.93 12.24 17.10
N ILE A 162 -6.57 15.44 18.91
CA ILE A 162 -1.92 11.21 16.94
CA ILE A 162 -5.70 14.65 19.77
C ILE A 162 -2.17 10.06 17.92
C ILE A 162 -6.46 13.72 20.72
N GLY A 163 -2.13 8.83 17.39
N GLY A 163 -6.06 12.46 20.76
CA GLY A 163 -2.15 7.66 18.25
CA GLY A 163 -6.71 11.45 21.62
C GLY A 163 -3.56 7.21 18.53
C GLY A 163 -8.19 11.12 21.38
N ALA A 164 -4.54 8.00 18.08
N ALA A 164 -8.70 11.41 20.19
CA ALA A 164 -5.98 7.72 18.26
CA ALA A 164 -10.02 10.96 19.76
C ALA A 164 -6.51 6.66 17.34
C ALA A 164 -9.83 9.79 18.81
N ALA A 165 -7.61 6.03 17.75
N ALA A 165 -10.77 8.86 18.79
CA ALA A 165 -8.39 5.16 16.85
CA ALA A 165 -10.60 7.71 17.92
C ALA A 165 -9.25 6.02 16.01
C ALA A 165 -10.77 8.18 16.49
N ILE A 166 -8.89 6.14 14.75
N ILE A 166 -10.00 7.57 15.59
CA ILE A 166 -9.45 7.17 13.87
CA ILE A 166 -10.16 7.83 14.17
C ILE A 166 -10.43 6.42 12.95
C ILE A 166 -10.81 6.66 13.45
N THR A 167 -11.68 6.93 12.72
N THR A 167 -11.90 6.99 12.83
CA THR A 167 -12.59 6.08 11.94
CA THR A 167 -12.82 6.13 12.09
C THR A 167 -13.12 6.83 10.76
N ALA A 168 -13.25 6.09 9.66
CA ALA A 168 -13.64 6.69 8.39
C ALA A 168 -15.15 7.04 8.34
N ASP A 169 -15.49 7.82 7.33
CA ASP A 169 -16.89 8.21 7.08
C ASP A 169 -17.52 7.56 5.87
N ALA A 170 -16.73 6.94 4.99
CA ALA A 170 -17.26 6.22 3.81
C ALA A 170 -16.20 5.23 3.35
N THR A 171 -16.71 4.16 2.75
CA THR A 171 -15.91 3.27 1.87
C THR A 171 -16.15 3.68 0.44
N LEU A 172 -15.09 3.88 -0.33
CA LEU A 172 -15.17 4.23 -1.72
C LEU A 172 -14.61 3.08 -2.54
N ILE A 173 -15.37 2.66 -3.53
CA ILE A 173 -14.97 1.63 -4.49
C ILE A 173 -14.84 2.32 -5.83
N ASN A 174 -13.68 2.31 -6.45
CA ASN A 174 -13.43 3.11 -7.64
C ASN A 174 -13.84 4.56 -7.45
N GLY A 175 -13.53 5.10 -6.28
CA GLY A 175 -13.72 6.54 -6.03
C GLY A 175 -15.11 6.96 -5.58
N LEU A 176 -16.10 6.04 -5.49
CA LEU A 176 -17.46 6.43 -5.14
C LEU A 176 -18.00 5.51 -4.08
N GLY A 177 -18.87 6.05 -3.22
CA GLY A 177 -19.53 5.24 -2.22
C GLY A 177 -20.37 6.11 -1.33
N ARG A 178 -21.02 5.57 -0.32
CA ARG A 178 -21.96 6.39 0.49
C ARG A 178 -21.49 6.48 1.92
N SER A 179 -21.84 7.61 2.53
CA SER A 179 -21.39 7.92 3.90
C SER A 179 -22.12 7.09 4.94
N PHE A 180 -21.42 6.69 5.99
CA PHE A 180 -21.96 5.84 7.05
C PHE A 180 -23.02 6.55 7.91
N THR A 181 -22.86 7.83 8.08
CA THR A 181 -23.87 8.66 8.78
C THR A 181 -24.31 9.73 7.85
N ASN A 182 -25.55 10.20 8.11
CA ASN A 182 -26.18 11.14 7.17
C ASN A 182 -26.14 10.62 5.70
N THR A 183 -26.44 9.35 5.57
CA THR A 183 -26.26 8.67 4.28
C THR A 183 -27.13 9.32 3.22
N THR A 184 -26.57 9.70 2.09
CA THR A 184 -27.37 10.16 0.91
C THR A 184 -27.17 9.21 -0.24
N ALA A 185 -28.17 9.09 -1.12
CA ALA A 185 -28.11 8.16 -2.25
C ALA A 185 -27.26 8.73 -3.39
N SER A 186 -26.01 9.04 -3.08
CA SER A 186 -25.07 9.56 -4.06
C SER A 186 -24.62 8.43 -5.01
N PRO A 187 -24.08 8.71 -6.13
CA PRO A 187 -23.79 7.70 -7.15
C PRO A 187 -22.83 6.57 -6.69
N LEU A 188 -23.16 5.35 -7.06
CA LEU A 188 -22.28 4.19 -6.83
C LEU A 188 -21.51 3.88 -8.07
N SER A 189 -20.29 3.33 -7.88
CA SER A 189 -19.50 2.88 -9.03
C SER A 189 -20.15 1.66 -9.71
N VAL A 190 -19.99 1.60 -11.00
CA VAL A 190 -20.43 0.47 -11.85
C VAL A 190 -19.25 -0.14 -12.54
N ILE A 191 -19.09 -1.45 -12.41
CA ILE A 191 -18.06 -2.23 -13.12
C ILE A 191 -18.88 -3.06 -14.16
N THR A 192 -18.59 -2.84 -15.42
CA THR A 192 -19.36 -3.48 -16.51
C THR A 192 -18.64 -4.66 -17.14
N VAL A 193 -19.34 -5.78 -17.28
CA VAL A 193 -18.78 -6.98 -17.89
C VAL A 193 -19.73 -7.49 -18.97
N GLN A 194 -19.16 -8.28 -19.89
CA GLN A 194 -19.93 -8.94 -21.00
C GLN A 194 -20.06 -10.38 -20.70
N SER A 195 -21.31 -10.86 -20.68
CA SER A 195 -21.57 -12.29 -20.48
C SER A 195 -20.68 -13.23 -21.35
N GLY A 196 -20.06 -14.18 -20.67
CA GLY A 196 -19.15 -15.16 -21.30
C GLY A 196 -17.67 -14.78 -21.27
N LYS A 197 -17.29 -13.50 -21.09
CA LYS A 197 -15.88 -13.09 -21.03
C LYS A 197 -15.29 -13.24 -19.61
N ARG A 198 -13.96 -13.33 -19.60
CA ARG A 198 -13.19 -13.49 -18.37
C ARG A 198 -12.28 -12.28 -18.23
N TYR A 199 -12.26 -11.78 -16.96
CA TYR A 199 -11.60 -10.49 -16.65
C TYR A 199 -10.51 -10.70 -15.61
N ARG A 200 -9.37 -10.05 -15.85
CA ARG A 200 -8.35 -9.90 -14.82
C ARG A 200 -8.67 -8.70 -13.95
N MET A 201 -9.38 -8.92 -12.88
CA MET A 201 -9.69 -7.82 -11.94
C MET A 201 -8.46 -7.59 -11.03
N ARG A 202 -7.95 -6.36 -11.05
CA ARG A 202 -6.77 -5.96 -10.29
C ARG A 202 -7.26 -5.20 -9.07
N LEU A 203 -7.35 -5.85 -7.93
CA LEU A 203 -7.94 -5.34 -6.67
C LEU A 203 -6.84 -4.69 -5.86
N VAL A 204 -6.99 -3.39 -5.62
CA VAL A 204 -5.96 -2.60 -4.96
C VAL A 204 -6.52 -1.98 -3.69
N SER A 205 -5.99 -2.32 -2.54
CA SER A 205 -6.27 -1.54 -1.32
C SER A 205 -5.41 -0.31 -1.29
N ILE A 206 -6.07 0.84 -1.42
CA ILE A 206 -5.46 2.14 -1.18
C ILE A 206 -5.83 2.68 0.18
N SER A 207 -6.18 1.83 1.10
CA SER A 207 -6.60 2.23 2.44
C SER A 207 -5.47 2.90 3.24
N CYS A 208 -5.88 3.90 4.05
CA CYS A 208 -5.07 4.41 5.14
C CYS A 208 -5.21 3.66 6.42
N ASP A 209 -6.18 2.73 6.54
CA ASP A 209 -6.40 2.03 7.80
C ASP A 209 -7.20 0.73 7.67
N PRO A 210 -8.50 0.75 7.38
CA PRO A 210 -9.24 -0.51 7.51
C PRO A 210 -8.83 -1.54 6.49
N ASN A 211 -9.04 -2.79 6.94
CA ASN A 211 -9.07 -3.94 6.03
C ASN A 211 -10.51 -4.16 5.57
N TYR A 212 -10.66 -4.77 4.39
CA TYR A 212 -11.99 -4.99 3.81
C TYR A 212 -12.26 -6.46 3.55
N LEU A 213 -13.51 -6.86 3.85
CA LEU A 213 -14.04 -8.16 3.39
C LEU A 213 -14.68 -7.93 2.05
N PHE A 214 -13.98 -8.33 0.96
CA PHE A 214 -14.40 -8.07 -0.40
C PHE A 214 -15.07 -9.30 -1.03
N SER A 215 -16.23 -9.10 -1.64
CA SER A 215 -16.94 -10.22 -2.34
C SER A 215 -17.79 -9.64 -3.44
N ILE A 216 -18.25 -10.50 -4.31
CA ILE A 216 -19.15 -10.14 -5.44
C ILE A 216 -20.32 -11.13 -5.42
N ASP A 217 -21.54 -10.68 -5.15
CA ASP A 217 -22.67 -11.61 -5.04
C ASP A 217 -22.78 -12.48 -6.30
N GLY A 218 -23.00 -13.77 -6.04
CA GLY A 218 -23.19 -14.74 -7.16
C GLY A 218 -21.96 -15.20 -7.82
N HIS A 219 -20.75 -14.62 -7.51
CA HIS A 219 -19.56 -14.85 -8.29
C HIS A 219 -18.53 -15.40 -7.31
C HIS A 219 -18.19 -15.20 -7.60
N ASP A 220 -17.58 -16.15 -7.83
N ASP A 220 -17.54 -16.25 -8.05
CA ASP A 220 -16.35 -16.41 -7.10
CA ASP A 220 -16.28 -16.66 -7.42
C ASP A 220 -15.16 -15.78 -7.92
N MET A 221 -13.99 -15.88 -7.31
CA MET A 221 -12.82 -15.11 -7.71
C MET A 221 -11.60 -16.02 -7.69
N THR A 222 -10.88 -16.08 -8.81
CA THR A 222 -9.73 -17.00 -8.87
C THR A 222 -8.43 -16.18 -8.82
N ILE A 223 -7.79 -16.21 -7.65
CA ILE A 223 -6.58 -15.42 -7.42
C ILE A 223 -5.43 -15.93 -8.26
N ILE A 224 -4.72 -15.03 -8.95
CA ILE A 224 -3.58 -15.34 -9.78
C ILE A 224 -2.34 -14.46 -9.53
N GLU A 225 -2.46 -13.48 -8.59
CA GLU A 225 -1.38 -12.57 -8.29
C GLU A 225 -1.62 -12.03 -6.88
N VAL A 226 -0.52 -11.91 -6.11
CA VAL A 226 -0.54 -11.41 -4.72
C VAL A 226 0.57 -10.38 -4.58
N ASP A 227 0.23 -9.10 -4.38
CA ASP A 227 1.25 -8.04 -4.20
C ASP A 227 2.37 -8.10 -5.26
N GLY A 228 2.01 -8.30 -6.53
CA GLY A 228 3.05 -8.37 -7.58
C GLY A 228 3.58 -9.74 -7.88
N VAL A 229 3.28 -10.74 -7.09
CA VAL A 229 3.85 -12.08 -7.23
C VAL A 229 2.80 -13.00 -7.83
N ASN A 230 3.10 -13.59 -9.00
CA ASN A 230 2.17 -14.55 -9.61
C ASN A 230 1.94 -15.73 -8.68
N SER A 231 0.69 -16.15 -8.56
CA SER A 231 0.31 -17.29 -7.74
C SER A 231 -0.25 -18.43 -8.57
N GLN A 232 -0.25 -19.62 -8.00
CA GLN A 232 -1.11 -20.69 -8.48
C GLN A 232 -2.55 -20.22 -8.38
N GLN A 233 -3.45 -20.70 -9.22
CA GLN A 233 -4.85 -20.35 -9.19
C GLN A 233 -5.46 -20.78 -7.88
N LEU A 234 -6.13 -19.89 -7.14
CA LEU A 234 -6.83 -20.24 -5.90
C LEU A 234 -8.21 -19.61 -5.95
N THR A 235 -9.28 -20.42 -5.99
CA THR A 235 -10.64 -19.89 -6.08
C THR A 235 -11.22 -19.71 -4.74
N VAL A 236 -11.78 -18.51 -4.50
CA VAL A 236 -12.34 -18.08 -3.26
C VAL A 236 -13.66 -17.36 -3.49
N ASP A 237 -14.48 -17.23 -2.47
CA ASP A 237 -15.69 -16.41 -2.57
C ASP A 237 -15.64 -15.10 -1.76
N GLN A 238 -14.54 -14.89 -1.03
CA GLN A 238 -14.35 -13.66 -0.26
C GLN A 238 -12.84 -13.46 -0.10
N ILE A 239 -12.40 -12.18 -0.14
CA ILE A 239 -11.00 -11.84 0.11
C ILE A 239 -10.97 -10.79 1.21
N GLN A 240 -10.30 -11.09 2.32
CA GLN A 240 -9.98 -10.07 3.36
C GLN A 240 -8.70 -9.43 2.97
N ILE A 241 -8.73 -8.16 2.56
CA ILE A 241 -7.56 -7.44 1.98
C ILE A 241 -7.20 -6.32 2.95
N PHE A 242 -5.94 -6.36 3.40
CA PHE A 242 -5.40 -5.38 4.36
C PHE A 242 -4.82 -4.20 3.62
N ALA A 243 -4.63 -3.11 4.38
CA ALA A 243 -4.17 -1.84 3.74
C ALA A 243 -2.91 -2.08 2.93
N ALA A 244 -2.95 -1.59 1.70
CA ALA A 244 -1.82 -1.57 0.75
C ALA A 244 -1.60 -2.86 -0.03
N GLN A 245 -2.31 -3.94 0.31
CA GLN A 245 -2.21 -5.19 -0.44
C GLN A 245 -2.87 -5.08 -1.81
N ARG A 246 -2.49 -6.01 -2.69
CA ARG A 246 -3.13 -6.13 -4.00
C ARG A 246 -3.35 -7.61 -4.31
N TYR A 247 -4.41 -7.88 -5.06
CA TYR A 247 -4.64 -9.24 -5.68
C TYR A 247 -5.09 -9.06 -7.11
N SER A 248 -4.64 -9.89 -8.03
CA SER A 248 -5.41 -10.07 -9.27
C SER A 248 -6.26 -11.31 -9.10
N PHE A 249 -7.51 -11.22 -9.57
CA PHE A 249 -8.36 -12.41 -9.63
C PHE A 249 -9.08 -12.46 -10.97
N VAL A 250 -9.27 -13.68 -11.44
CA VAL A 250 -10.13 -13.87 -12.64
C VAL A 250 -11.60 -13.88 -12.20
N LEU A 251 -12.34 -12.98 -12.85
CA LEU A 251 -13.80 -12.95 -12.76
C LEU A 251 -14.33 -13.52 -14.08
N ASN A 252 -15.04 -14.61 -13.94
CA ASN A 252 -15.77 -15.25 -15.09
C ASN A 252 -17.18 -14.69 -15.10
N ALA A 253 -17.53 -13.99 -16.17
CA ALA A 253 -18.88 -13.43 -16.26
C ALA A 253 -19.89 -14.52 -16.68
N ASN A 254 -20.14 -15.41 -15.74
CA ASN A 254 -20.82 -16.73 -16.04
C ASN A 254 -22.15 -16.83 -15.33
N GLN A 255 -22.67 -15.74 -14.77
CA GLN A 255 -23.94 -15.71 -14.14
C GLN A 255 -24.99 -15.07 -15.09
N PRO A 256 -26.32 -15.22 -14.77
CA PRO A 256 -27.28 -14.63 -15.68
C PRO A 256 -27.13 -13.12 -15.91
N VAL A 257 -27.32 -12.60 -17.10
CA VAL A 257 -27.27 -11.18 -17.31
C VAL A 257 -28.13 -10.45 -16.29
N GLY A 258 -27.53 -9.49 -15.57
CA GLY A 258 -28.19 -8.84 -14.48
C GLY A 258 -27.19 -7.94 -13.73
N ASN A 259 -27.66 -7.49 -12.58
CA ASN A 259 -26.95 -6.59 -11.64
C ASN A 259 -26.67 -7.33 -10.37
N TYR A 260 -25.42 -7.23 -9.88
CA TYR A 260 -24.93 -7.95 -8.69
C TYR A 260 -24.20 -6.97 -7.74
N TRP A 261 -24.44 -7.04 -6.46
CA TRP A 261 -23.67 -6.18 -5.55
C TRP A 261 -22.23 -6.63 -5.42
N ILE A 262 -21.37 -5.61 -5.44
CA ILE A 262 -19.95 -5.72 -5.04
C ILE A 262 -19.85 -5.17 -3.64
N ARG A 263 -19.27 -5.94 -2.72
CA ARG A 263 -19.27 -5.64 -1.31
C ARG A 263 -17.85 -5.43 -0.78
N ALA A 264 -17.64 -4.42 0.06
CA ALA A 264 -16.30 -4.21 0.72
C ALA A 264 -16.57 -3.78 2.15
N GLN A 265 -16.63 -4.71 3.09
CA GLN A 265 -16.98 -4.40 4.48
CA GLN A 265 -16.99 -4.35 4.47
C GLN A 265 -15.73 -4.06 5.29
N PRO A 266 -15.57 -2.84 5.76
CA PRO A 266 -14.37 -2.52 6.57
C PRO A 266 -14.45 -3.06 7.99
N ASN A 267 -13.32 -3.21 8.65
CA ASN A 267 -13.29 -3.73 10.04
C ASN A 267 -13.71 -2.70 11.07
N SER A 268 -13.71 -1.43 10.73
CA SER A 268 -14.18 -0.31 11.55
C SER A 268 -15.04 0.57 10.68
N GLY A 269 -15.74 1.53 11.29
CA GLY A 269 -16.72 2.32 10.58
C GLY A 269 -18.00 1.55 10.33
N GLY A 270 -18.76 1.93 9.33
CA GLY A 270 -20.11 1.39 9.14
C GLY A 270 -20.14 -0.09 8.84
N GLN A 271 -20.98 -0.82 9.55
CA GLN A 271 -21.12 -2.23 9.37
C GLN A 271 -22.38 -2.53 8.58
N GLY A 272 -22.31 -3.44 7.65
CA GLY A 272 -23.44 -3.76 6.78
C GLY A 272 -23.54 -2.88 5.59
N PHE A 273 -24.72 -2.85 4.95
CA PHE A 273 -24.96 -2.33 3.63
C PHE A 273 -26.21 -1.40 3.53
N ASP A 274 -26.68 -0.97 4.70
CA ASP A 274 -27.97 -0.19 4.70
C ASP A 274 -27.73 1.05 3.83
N GLY A 275 -28.70 1.38 2.99
CA GLY A 275 -28.63 2.58 2.19
C GLY A 275 -27.60 2.49 1.09
N GLY A 276 -27.01 1.32 0.85
CA GLY A 276 -25.98 1.13 -0.16
C GLY A 276 -24.56 1.60 0.27
N ILE A 277 -24.29 1.72 1.57
CA ILE A 277 -22.90 1.89 2.03
C ILE A 277 -22.12 0.62 1.68
N ASN A 278 -20.80 0.75 1.61
CA ASN A 278 -19.87 -0.41 1.50
C ASN A 278 -20.13 -1.21 0.19
N SER A 279 -20.63 -0.55 -0.85
CA SER A 279 -21.18 -1.20 -2.03
C SER A 279 -20.77 -0.55 -3.33
N ALA A 280 -20.72 -1.36 -4.37
CA ALA A 280 -20.68 -0.92 -5.78
C ALA A 280 -21.55 -1.92 -6.61
N ILE A 281 -21.59 -1.75 -7.91
CA ILE A 281 -22.49 -2.55 -8.77
C ILE A 281 -21.69 -3.24 -9.84
N LEU A 282 -21.86 -4.56 -9.98
CA LEU A 282 -21.41 -5.32 -11.14
C LEU A 282 -22.57 -5.41 -12.12
N ARG A 283 -22.43 -4.79 -13.28
CA ARG A 283 -23.49 -4.77 -14.32
C ARG A 283 -23.07 -5.50 -15.56
N TYR A 284 -23.89 -6.47 -15.97
CA TYR A 284 -23.67 -7.14 -17.24
C TYR A 284 -24.27 -6.29 -18.39
N GLU A 285 -23.55 -6.24 -19.48
CA GLU A 285 -24.08 -5.62 -20.68
C GLU A 285 -25.43 -6.19 -21.04
N GLY A 286 -26.44 -5.31 -21.24
CA GLY A 286 -27.80 -5.77 -21.55
C GLY A 286 -28.72 -5.79 -20.33
N ALA A 287 -28.18 -5.68 -19.09
CA ALA A 287 -28.98 -5.60 -17.91
C ALA A 287 -29.69 -4.25 -17.86
N THR A 288 -30.81 -4.26 -17.17
CA THR A 288 -31.54 -3.05 -16.85
C THR A 288 -30.65 -2.16 -15.97
N VAL A 289 -30.78 -0.86 -16.14
CA VAL A 289 -30.06 0.10 -15.30
C VAL A 289 -30.86 0.32 -14.02
N GLU A 290 -30.52 -0.47 -13.01
CA GLU A 290 -31.16 -0.48 -11.71
C GLU A 290 -30.21 -1.11 -10.69
N ASP A 291 -30.48 -0.87 -9.43
CA ASP A 291 -29.61 -1.44 -8.38
C ASP A 291 -29.80 -2.96 -8.37
N PRO A 292 -28.76 -3.72 -7.99
CA PRO A 292 -28.92 -5.15 -7.71
C PRO A 292 -29.93 -5.41 -6.63
N THR A 293 -30.50 -6.61 -6.66
CA THR A 293 -31.36 -7.14 -5.61
C THR A 293 -30.79 -8.35 -4.90
N THR A 294 -29.53 -8.69 -5.21
CA THR A 294 -28.87 -9.85 -4.65
C THR A 294 -28.52 -9.72 -3.19
N THR A 295 -28.38 -10.91 -2.57
CA THR A 295 -28.06 -11.13 -1.19
C THR A 295 -26.59 -11.62 -0.98
N ALA A 296 -25.88 -11.18 0.08
CA ALA A 296 -24.69 -11.95 0.54
C ALA A 296 -25.12 -13.23 1.23
N PRO A 297 -24.29 -14.29 1.26
CA PRO A 297 -24.56 -15.40 2.18
C PRO A 297 -24.34 -14.96 3.61
N THR A 298 -24.88 -15.73 4.54
CA THR A 298 -24.64 -15.48 5.95
C THR A 298 -23.18 -15.77 6.32
N THR A 299 -22.62 -16.82 5.76
CA THR A 299 -21.18 -17.02 5.93
C THR A 299 -20.67 -17.42 4.54
N PHE A 300 -19.40 -17.15 4.38
CA PHE A 300 -18.70 -17.42 3.15
C PHE A 300 -17.97 -18.73 3.27
N SER A 301 -18.26 -19.62 2.35
CA SER A 301 -17.74 -20.98 2.50
C SER A 301 -16.33 -21.24 2.01
N ASN A 302 -15.75 -20.32 1.24
CA ASN A 302 -14.38 -20.48 0.74
C ASN A 302 -13.61 -19.15 0.82
N PRO A 303 -13.47 -18.62 2.01
CA PRO A 303 -12.72 -17.37 2.14
C PRO A 303 -11.24 -17.59 1.85
N LEU A 304 -10.56 -16.54 1.41
CA LEU A 304 -9.07 -16.58 1.33
C LEU A 304 -8.48 -16.81 2.70
N VAL A 305 -7.53 -17.75 2.73
CA VAL A 305 -6.64 -18.01 3.88
C VAL A 305 -5.21 -17.93 3.30
N GLU A 306 -4.35 -17.13 3.92
CA GLU A 306 -3.07 -16.78 3.28
C GLU A 306 -2.17 -18.00 3.04
N THR A 307 -2.28 -19.02 3.92
CA THR A 307 -1.45 -20.24 3.76
C THR A 307 -1.89 -21.08 2.57
N ASP A 308 -3.06 -20.84 2.02
CA ASP A 308 -3.52 -21.55 0.81
C ASP A 308 -2.85 -21.05 -0.45
N LEU A 309 -2.24 -19.85 -0.39
CA LEU A 309 -1.60 -19.24 -1.56
C LEU A 309 -0.23 -19.81 -1.76
N HIS A 310 0.15 -20.02 -3.04
CA HIS A 310 1.51 -20.51 -3.34
C HIS A 310 1.99 -19.83 -4.61
N PRO A 311 3.29 -19.53 -4.72
CA PRO A 311 3.76 -18.88 -5.94
C PRO A 311 3.59 -19.78 -7.20
N LEU A 312 3.39 -19.14 -8.34
CA LEU A 312 3.34 -19.85 -9.62
C LEU A 312 4.72 -20.38 -9.95
N ALA A 313 5.74 -19.57 -9.79
CA ALA A 313 7.15 -19.98 -9.96
C ALA A 313 7.63 -20.70 -8.76
N ASP A 314 8.73 -21.49 -8.93
CA ASP A 314 9.33 -22.19 -7.81
C ASP A 314 10.26 -21.26 -7.09
N LEU A 315 9.70 -20.47 -6.17
CA LEU A 315 10.42 -19.43 -5.43
C LEU A 315 11.12 -19.97 -4.20
N GLY A 316 10.58 -21.02 -3.59
CA GLY A 316 11.10 -21.61 -2.35
C GLY A 316 11.13 -20.60 -1.21
N VAL A 317 12.06 -20.80 -0.29
CA VAL A 317 12.28 -19.98 0.88
C VAL A 317 13.76 -19.93 1.12
N PRO A 318 14.40 -18.78 1.32
CA PRO A 318 15.84 -18.76 1.61
C PRO A 318 16.08 -19.21 3.05
N GLY A 319 17.33 -19.65 3.29
CA GLY A 319 17.72 -20.09 4.64
C GLY A 319 17.42 -21.53 4.92
N GLN A 320 17.29 -21.84 6.21
CA GLN A 320 17.14 -23.22 6.70
C GLN A 320 15.79 -23.41 7.34
N PRO A 321 15.26 -24.61 7.37
CA PRO A 321 13.86 -24.84 7.72
C PRO A 321 13.52 -24.93 9.20
N PHE A 322 13.85 -23.85 9.90
CA PHE A 322 13.53 -23.72 11.31
C PHE A 322 13.67 -22.27 11.76
N ARG A 323 13.04 -21.93 12.88
CA ARG A 323 13.11 -20.57 13.38
C ARG A 323 14.52 -20.20 13.69
N GLY A 324 14.95 -19.02 13.28
CA GLY A 324 16.33 -18.60 13.44
C GLY A 324 17.28 -19.12 12.40
N GLY A 325 16.77 -19.88 11.43
CA GLY A 325 17.61 -20.52 10.39
C GLY A 325 17.93 -19.52 9.25
N ALA A 326 18.65 -18.46 9.61
CA ALA A 326 19.02 -17.35 8.66
C ALA A 326 20.32 -16.78 9.08
N ASP A 327 21.01 -16.10 8.19
CA ASP A 327 22.27 -15.41 8.53
C ASP A 327 22.07 -14.36 9.58
N ASP A 328 20.96 -13.61 9.48
CA ASP A 328 20.65 -12.52 10.36
C ASP A 328 19.19 -12.70 10.84
N PRO A 329 18.93 -13.46 11.88
CA PRO A 329 17.60 -13.70 12.41
C PRO A 329 17.25 -12.64 13.43
N LEU A 330 16.15 -11.93 13.22
CA LEU A 330 15.69 -10.83 14.06
C LEU A 330 14.31 -11.14 14.63
N VAL A 331 14.04 -10.61 15.82
CA VAL A 331 12.72 -10.62 16.41
C VAL A 331 12.42 -9.25 16.86
N LEU A 332 11.42 -8.59 16.28
CA LEU A 332 11.08 -7.21 16.68
C LEU A 332 10.11 -7.19 17.83
N ASN A 333 10.37 -6.26 18.78
CA ASN A 333 9.42 -6.05 19.86
C ASN A 333 8.52 -4.85 19.48
N LEU A 334 7.29 -5.19 19.12
CA LEU A 334 6.29 -4.27 18.58
C LEU A 334 5.30 -3.90 19.67
N ALA A 335 5.23 -2.64 20.05
CA ALA A 335 4.46 -2.25 21.23
C ALA A 335 3.71 -0.94 20.98
N PHE A 336 2.71 -0.71 21.84
CA PHE A 336 1.95 0.52 21.88
C PHE A 336 1.63 0.93 23.33
N ALA A 337 1.83 2.22 23.61
CA ALA A 337 1.36 2.77 24.92
C ALA A 337 1.22 4.23 24.81
N ASN A 338 0.16 4.76 25.44
CA ASN A 338 0.03 6.22 25.61
C ASN A 338 0.06 7.01 24.37
N GLY A 339 -0.54 6.46 23.29
CA GLY A 339 -0.67 7.16 22.06
C GLY A 339 0.47 6.98 21.06
N ARG A 340 1.50 6.25 21.44
CA ARG A 340 2.67 6.06 20.59
C ARG A 340 3.02 4.56 20.47
N PHE A 341 3.37 4.22 19.22
CA PHE A 341 3.94 2.90 18.93
C PHE A 341 5.46 2.92 19.07
N SER A 342 6.03 1.75 19.25
CA SER A 342 7.49 1.60 19.29
C SER A 342 7.88 0.27 18.65
N ILE A 343 9.12 0.29 18.14
CA ILE A 343 9.76 -0.95 17.67
C ILE A 343 11.13 -1.09 18.41
N ASP A 344 11.31 -2.18 19.11
CA ASP A 344 12.54 -2.40 19.90
C ASP A 344 12.76 -1.23 20.89
N GLY A 345 11.67 -0.70 21.42
CA GLY A 345 11.74 0.31 22.49
C GLY A 345 11.82 1.72 22.00
N VAL A 346 11.81 1.98 20.69
CA VAL A 346 11.96 3.30 20.11
C VAL A 346 10.79 3.65 19.21
N SER A 347 10.16 4.79 19.46
CA SER A 347 9.09 5.30 18.65
C SER A 347 9.67 6.09 17.50
N PHE A 348 9.26 5.85 16.24
CA PHE A 348 9.84 6.52 15.09
C PHE A 348 9.42 7.96 15.04
N VAL A 349 10.36 8.90 14.97
CA VAL A 349 10.06 10.33 14.69
C VAL A 349 11.03 10.76 13.55
N PRO A 350 10.51 11.24 12.44
CA PRO A 350 11.38 11.43 11.27
C PRO A 350 12.58 12.35 11.61
N PRO A 351 13.77 12.04 11.13
CA PRO A 351 14.98 12.90 11.37
C PRO A 351 14.97 14.11 10.48
N THR A 352 15.81 15.10 10.85
CA THR A 352 15.94 16.30 10.04
C THR A 352 16.67 16.10 8.70
N VAL A 353 17.71 15.25 8.74
CA VAL A 353 18.48 14.89 7.58
C VAL A 353 18.00 13.48 7.12
N PRO A 354 17.56 13.34 5.85
CA PRO A 354 17.07 12.00 5.45
C PRO A 354 18.18 10.95 5.71
N VAL A 355 17.76 9.75 6.09
CA VAL A 355 18.71 8.68 6.33
C VAL A 355 19.65 8.48 5.16
N LEU A 356 19.14 8.45 3.93
CA LEU A 356 20.06 8.25 2.76
C LEU A 356 21.15 9.37 2.72
N LEU A 357 20.75 10.61 2.90
CA LEU A 357 21.74 11.71 2.86
C LEU A 357 22.70 11.60 4.02
N GLN A 358 22.29 11.15 5.20
CA GLN A 358 23.29 10.90 6.27
C GLN A 358 24.30 9.88 5.82
N ILE A 359 23.89 8.81 5.18
CA ILE A 359 24.83 7.76 4.72
C ILE A 359 25.72 8.33 3.62
N LEU A 360 25.19 9.07 2.67
CA LEU A 360 26.03 9.59 1.55
C LEU A 360 27.01 10.59 2.12
N SER A 361 26.73 11.22 3.27
CA SER A 361 27.67 12.19 3.89
C SER A 361 28.72 11.49 4.75
N GLY A 362 28.63 10.21 4.98
CA GLY A 362 29.74 9.38 5.47
C GLY A 362 29.43 8.62 6.74
N ALA A 363 28.19 8.74 7.27
CA ALA A 363 27.85 8.02 8.47
C ALA A 363 28.12 6.48 8.33
C ALA A 363 27.70 6.60 8.04
N GLN A 364 28.83 5.93 9.31
N GLN A 364 28.51 5.67 8.51
CA GLN A 364 29.62 4.73 9.14
CA GLN A 364 28.36 4.26 8.09
C GLN A 364 28.82 3.48 9.53
C GLN A 364 28.02 3.24 9.17
N ASN A 365 27.86 3.66 10.46
N ASN A 365 27.76 3.61 10.38
CA ASN A 365 27.12 2.53 11.04
C ASN A 365 25.80 2.98 11.53
N ALA A 366 25.00 2.02 11.89
CA ALA A 366 23.66 2.30 12.25
C ALA A 366 23.58 3.04 13.57
N GLN A 367 24.56 2.87 14.45
CA GLN A 367 24.61 3.77 15.64
C GLN A 367 25.05 5.25 15.40
N ASP A 368 25.66 5.56 14.27
CA ASP A 368 25.89 6.93 13.79
C ASP A 368 24.64 7.58 13.14
C ASP A 368 24.47 7.54 13.48
N LEU A 369 23.62 6.76 12.86
N LEU A 369 23.58 6.73 12.91
CA LEU A 369 22.48 7.28 12.12
C LEU A 369 21.34 7.73 12.99
N LEU A 370 20.68 8.77 12.53
CA LEU A 370 19.52 9.35 13.21
C LEU A 370 18.24 8.96 12.45
N PRO A 371 17.17 8.68 13.17
CA PRO A 371 17.00 8.77 14.62
C PRO A 371 17.71 7.66 15.33
N ALA A 372 18.30 7.99 16.51
CA ALA A 372 19.04 7.00 17.28
C ALA A 372 18.12 5.86 17.73
N GLY A 373 18.54 4.63 17.47
CA GLY A 373 17.74 3.47 17.83
C GLY A 373 16.66 3.09 16.78
N SER A 374 16.45 3.91 15.76
CA SER A 374 15.43 3.66 14.71
C SER A 374 16.05 3.11 13.44
N VAL A 375 17.34 2.88 13.41
CA VAL A 375 18.00 2.34 12.19
C VAL A 375 18.74 1.11 12.55
N ILE A 376 18.43 -0.01 11.88
CA ILE A 376 19.10 -1.30 12.07
C ILE A 376 19.88 -1.60 10.80
N SER A 377 21.19 -1.87 10.89
CA SER A 377 21.92 -2.26 9.70
C SER A 377 21.68 -3.71 9.33
N LEU A 378 21.62 -4.00 8.04
CA LEU A 378 21.61 -5.36 7.54
C LEU A 378 22.86 -5.66 6.71
N PRO A 379 23.44 -6.86 6.88
CA PRO A 379 24.64 -7.23 6.08
C PRO A 379 24.25 -7.55 4.68
N SER A 380 25.15 -7.37 3.73
CA SER A 380 24.91 -7.64 2.35
C SER A 380 24.89 -9.16 2.04
N ASN A 381 24.20 -9.54 0.98
CA ASN A 381 24.18 -10.90 0.44
C ASN A 381 23.93 -11.96 1.50
N SER A 382 22.95 -11.68 2.36
CA SER A 382 22.64 -12.50 3.53
C SER A 382 21.16 -12.81 3.59
N VAL A 383 20.80 -13.95 4.17
CA VAL A 383 19.40 -14.28 4.44
C VAL A 383 18.99 -13.59 5.74
N ILE A 384 17.90 -12.80 5.68
CA ILE A 384 17.33 -12.10 6.82
C ILE A 384 16.02 -12.77 7.17
N GLU A 385 15.80 -13.00 8.48
CA GLU A 385 14.48 -13.42 9.01
C GLU A 385 14.00 -12.39 9.95
N VAL A 386 12.73 -12.00 9.84
CA VAL A 386 12.17 -11.00 10.79
C VAL A 386 10.88 -11.55 11.31
N ALA A 387 10.88 -11.90 12.61
CA ALA A 387 9.64 -12.25 13.32
C ALA A 387 8.96 -10.98 13.84
N LEU A 388 7.63 -10.92 13.64
CA LEU A 388 6.82 -9.75 13.94
C LEU A 388 5.67 -10.12 14.87
N PRO A 389 5.97 -10.52 16.16
CA PRO A 389 4.88 -11.03 17.00
C PRO A 389 3.85 -9.94 17.34
N ALA A 390 2.58 -10.25 17.16
CA ALA A 390 1.47 -9.32 17.33
C ALA A 390 1.11 -9.18 18.82
N GLY A 391 0.18 -8.29 19.07
CA GLY A 391 -0.30 -7.97 20.48
C GLY A 391 -0.45 -6.50 20.64
N ALA A 392 0.31 -5.67 19.96
CA ALA A 392 0.17 -4.19 20.09
C ALA A 392 -1.25 -3.76 19.72
N ALA A 393 -1.86 -2.85 20.47
CA ALA A 393 -3.19 -2.32 20.23
C ALA A 393 -3.36 -1.82 18.79
N GLY A 394 -4.60 -1.85 18.33
CA GLY A 394 -4.97 -1.33 17.04
C GLY A 394 -4.76 -2.33 15.90
N GLY A 395 -4.71 -3.61 16.23
CA GLY A 395 -4.49 -4.65 15.19
C GLY A 395 -5.76 -4.92 14.43
N PRO A 396 -5.65 -5.72 13.37
CA PRO A 396 -4.42 -6.39 12.93
C PRO A 396 -3.55 -5.45 12.07
N HIS A 397 -2.27 -5.41 12.35
CA HIS A 397 -1.38 -4.44 11.73
C HIS A 397 -0.79 -5.04 10.44
N PRO A 398 -0.96 -4.34 9.30
CA PRO A 398 -0.35 -4.83 8.03
C PRO A 398 1.03 -4.21 7.90
N PHE A 399 2.07 -4.99 8.09
CA PHE A 399 3.47 -4.54 7.98
C PHE A 399 3.97 -4.64 6.54
N HIS A 400 4.70 -3.60 6.15
CA HIS A 400 5.20 -3.46 4.77
C HIS A 400 6.69 -3.11 4.82
N LEU A 401 7.47 -3.73 3.93
CA LEU A 401 8.92 -3.46 3.76
C LEU A 401 9.15 -2.84 2.40
N HIS A 402 9.80 -1.68 2.36
CA HIS A 402 10.21 -1.08 1.11
C HIS A 402 11.41 -1.85 0.52
N GLY A 403 11.61 -1.71 -0.81
CA GLY A 403 12.82 -2.24 -1.45
C GLY A 403 12.82 -3.72 -1.73
N HIS A 404 11.77 -4.44 -1.30
CA HIS A 404 11.79 -5.91 -1.24
C HIS A 404 10.41 -6.48 -1.29
N ASN A 405 10.26 -7.71 -1.76
CA ASN A 405 9.17 -8.58 -1.32
C ASN A 405 9.83 -9.66 -0.42
N PHE A 406 9.03 -10.55 0.16
CA PHE A 406 9.48 -11.48 1.17
C PHE A 406 8.61 -12.71 1.18
N ALA A 407 9.24 -13.83 1.58
CA ALA A 407 8.46 -15.07 1.86
C ALA A 407 7.75 -14.90 3.18
N VAL A 408 6.45 -15.25 3.17
CA VAL A 408 5.68 -15.24 4.41
C VAL A 408 5.79 -16.64 5.03
N VAL A 409 6.83 -16.82 5.83
CA VAL A 409 7.07 -18.14 6.43
C VAL A 409 6.01 -18.49 7.46
N GLN A 410 5.41 -17.54 8.16
CA GLN A 410 4.31 -17.88 9.08
C GLN A 410 3.27 -16.72 8.92
N SER A 411 2.01 -17.13 8.83
CA SER A 411 0.89 -16.22 8.61
C SER A 411 0.05 -16.04 9.88
N ALA A 412 -0.88 -15.10 9.81
CA ALA A 412 -1.80 -14.83 10.93
C ALA A 412 -2.61 -16.03 11.30
N ASN A 413 -2.86 -16.19 12.60
CA ASN A 413 -3.84 -17.17 13.06
C ASN A 413 -3.50 -18.61 12.81
N ASN A 414 -2.22 -18.89 12.58
CA ASN A 414 -1.78 -20.27 12.31
C ASN A 414 -0.34 -20.37 12.81
N ALA A 415 -0.09 -21.22 13.80
CA ALA A 415 1.21 -21.32 14.44
C ALA A 415 2.21 -22.09 13.64
N THR A 416 1.85 -22.69 12.52
CA THR A 416 2.76 -23.56 11.75
C THR A 416 3.53 -22.78 10.67
N PRO A 417 4.85 -22.77 10.70
CA PRO A 417 5.63 -22.14 9.65
C PRO A 417 5.67 -22.99 8.38
N ASN A 418 6.00 -22.36 7.25
CA ASN A 418 6.09 -23.01 5.97
C ASN A 418 7.41 -22.62 5.35
N TYR A 419 8.36 -23.58 5.31
CA TYR A 419 9.69 -23.37 4.74
C TYR A 419 9.83 -23.93 3.34
N VAL A 420 8.72 -24.33 2.73
CA VAL A 420 8.73 -25.00 1.43
C VAL A 420 8.17 -24.09 0.33
N ASN A 421 6.88 -23.69 0.44
CA ASN A 421 6.23 -23.00 -0.67
C ASN A 421 5.24 -21.87 -0.25
N PRO A 422 5.59 -21.09 0.77
CA PRO A 422 4.66 -19.98 1.08
C PRO A 422 4.63 -18.93 0.00
N ILE A 423 3.53 -18.17 -0.03
CA ILE A 423 3.51 -17.00 -0.88
C ILE A 423 4.58 -15.98 -0.50
N TRP A 424 5.01 -15.25 -1.52
CA TRP A 424 5.83 -14.05 -1.35
C TRP A 424 4.93 -12.86 -1.57
N ARG A 425 5.19 -11.78 -0.76
CA ARG A 425 4.33 -10.55 -0.92
C ARG A 425 5.12 -9.37 -0.34
N ASP A 426 4.48 -8.20 -0.27
CA ASP A 426 5.16 -7.03 0.30
C ASP A 426 4.49 -6.39 1.51
N THR A 427 3.24 -6.76 1.79
CA THR A 427 2.49 -6.21 2.96
C THR A 427 1.73 -7.38 3.56
N VAL A 428 1.89 -7.59 4.87
CA VAL A 428 1.37 -8.81 5.51
C VAL A 428 0.70 -8.45 6.84
N SER A 429 -0.51 -8.95 7.05
CA SER A 429 -1.12 -8.85 8.43
C SER A 429 -0.29 -9.68 9.40
N ILE A 430 0.07 -9.03 10.52
CA ILE A 430 0.76 -9.78 11.56
C ILE A 430 -0.20 -10.47 12.55
N GLY A 431 -1.51 -10.35 12.33
CA GLY A 431 -2.41 -11.19 13.09
C GLY A 431 -2.81 -10.65 14.44
N GLY A 432 -3.00 -11.59 15.36
CA GLY A 432 -3.53 -11.32 16.67
C GLY A 432 -2.69 -11.84 17.78
N THR A 433 -3.21 -11.71 19.00
CA THR A 433 -2.37 -11.97 20.19
C THR A 433 -1.86 -13.41 20.15
N GLY A 434 -0.58 -13.53 20.40
CA GLY A 434 0.11 -14.83 20.37
C GLY A 434 0.64 -15.30 19.03
N ASP A 435 0.26 -14.59 17.94
CA ASP A 435 0.79 -14.94 16.61
C ASP A 435 2.26 -14.62 16.50
N ASN A 436 2.90 -15.21 15.48
CA ASN A 436 4.32 -14.93 15.23
C ASN A 436 4.56 -14.92 13.72
N VAL A 437 3.85 -14.04 13.04
CA VAL A 437 4.10 -13.79 11.60
C VAL A 437 5.58 -13.49 11.37
N THR A 438 6.16 -14.17 10.37
CA THR A 438 7.58 -14.16 10.15
C THR A 438 7.82 -14.08 8.63
N ILE A 439 8.78 -13.23 8.29
CA ILE A 439 9.14 -12.99 6.89
C ILE A 439 10.61 -13.30 6.67
N ARG A 440 10.96 -13.66 5.43
CA ARG A 440 12.37 -13.84 5.02
C ARG A 440 12.64 -13.22 3.65
N PHE A 441 13.85 -12.74 3.50
CA PHE A 441 14.34 -12.19 2.21
C PHE A 441 15.86 -12.21 2.21
N THR A 442 16.46 -11.98 1.04
CA THR A 442 17.93 -11.91 0.92
C THR A 442 18.31 -10.48 0.58
N THR A 443 19.38 -10.02 1.18
CA THR A 443 19.84 -8.62 0.94
C THR A 443 20.70 -8.31 -0.30
C THR A 443 20.60 -8.64 -0.38
N ASN A 444 20.04 -8.05 -1.39
CA ASN A 444 20.72 -7.77 -2.64
C ASN A 444 20.33 -6.40 -3.18
N ASN A 445 20.06 -5.45 -2.30
CA ASN A 445 19.55 -4.14 -2.70
C ASN A 445 20.03 -3.10 -1.73
N PRO A 446 21.27 -2.58 -1.90
CA PRO A 446 21.79 -1.63 -0.93
C PRO A 446 20.97 -0.33 -0.79
N GLY A 447 20.72 0.11 0.43
CA GLY A 447 20.05 1.38 0.68
C GLY A 447 19.20 1.31 1.95
N PRO A 448 18.75 2.45 2.45
CA PRO A 448 17.85 2.46 3.60
C PRO A 448 16.37 2.19 3.18
N TRP A 449 15.83 1.09 3.72
CA TRP A 449 14.48 0.62 3.37
C TRP A 449 13.59 0.71 4.59
N PHE A 450 12.49 1.47 4.46
CA PHE A 450 11.55 1.62 5.56
C PHE A 450 10.78 0.32 5.80
N LEU A 451 10.58 0.00 7.06
CA LEU A 451 9.70 -1.10 7.53
C LEU A 451 8.65 -0.49 8.44
N HIS A 452 7.38 -0.62 8.14
CA HIS A 452 6.38 0.09 8.95
C HIS A 452 5.02 -0.55 8.83
N CYS A 453 4.16 -0.31 9.84
CA CYS A 453 2.76 -0.60 9.70
C CYS A 453 2.16 0.32 8.63
N HIS A 454 1.31 -0.24 7.76
CA HIS A 454 0.70 0.53 6.69
C HIS A 454 -0.69 1.09 7.03
N ILE A 455 -1.08 1.04 8.32
CA ILE A 455 -2.17 1.92 8.82
C ILE A 455 -1.45 3.26 9.04
N ASP A 456 -1.79 4.24 8.20
CA ASP A 456 -1.01 5.45 8.13
C ASP A 456 -1.01 6.21 9.46
N TRP A 457 -2.11 6.11 10.24
CA TRP A 457 -2.20 6.73 11.53
C TRP A 457 -1.19 6.12 12.48
N HIS A 458 -0.89 4.81 12.33
CA HIS A 458 0.10 4.13 13.17
C HIS A 458 1.51 4.53 12.83
N LEU A 459 1.76 4.61 11.51
CA LEU A 459 3.10 5.15 11.06
C LEU A 459 3.35 6.56 11.68
N GLU A 460 2.33 7.39 11.62
CA GLU A 460 2.45 8.77 12.16
C GLU A 460 2.72 8.72 13.66
N ALA A 461 2.19 7.75 14.37
CA ALA A 461 2.39 7.56 15.79
C ALA A 461 3.62 6.74 16.16
N GLY A 462 4.50 6.48 15.15
CA GLY A 462 5.81 5.93 15.42
C GLY A 462 6.08 4.46 15.10
N PHE A 463 5.16 3.79 14.40
CA PHE A 463 5.28 2.31 14.25
C PHE A 463 6.15 1.97 13.02
N ALA A 464 7.44 2.21 13.14
CA ALA A 464 8.37 2.09 11.98
C ALA A 464 9.79 1.95 12.47
N ILE A 465 10.63 1.38 11.62
CA ILE A 465 12.07 1.35 11.75
C ILE A 465 12.65 1.41 10.34
N VAL A 466 13.93 1.74 10.23
CA VAL A 466 14.65 1.74 8.95
C VAL A 466 15.66 0.63 8.93
N PHE A 467 15.63 -0.21 7.88
CA PHE A 467 16.69 -1.18 7.63
C PHE A 467 17.71 -0.50 6.68
N ALA A 468 18.88 -0.22 7.25
CA ALA A 468 19.97 0.32 6.46
C ALA A 468 20.73 -0.87 5.85
N GLU A 469 20.31 -1.30 4.67
CA GLU A 469 20.81 -2.50 4.03
C GLU A 469 22.13 -2.15 3.31
N ASP A 470 23.19 -2.88 3.70
CA ASP A 470 24.52 -2.72 3.06
C ASP A 470 24.91 -1.24 3.02
N ILE A 471 25.09 -0.66 4.19
CA ILE A 471 25.55 0.69 4.31
C ILE A 471 26.85 0.89 3.43
N PRO A 472 27.83 -0.04 3.53
CA PRO A 472 29.09 0.29 2.80
C PRO A 472 28.96 0.45 1.34
N ASP A 473 27.97 -0.21 0.69
CA ASP A 473 27.81 -0.11 -0.75
C ASP A 473 26.71 0.87 -1.16
N THR A 474 26.01 1.60 -0.20
CA THR A 474 24.90 2.42 -0.52
C THR A 474 25.27 3.51 -1.51
N ALA A 475 26.40 4.18 -1.24
CA ALA A 475 26.77 5.32 -2.11
C ALA A 475 27.15 4.87 -3.55
N SER A 476 27.95 3.84 -3.68
CA SER A 476 28.35 3.36 -5.00
C SER A 476 27.11 2.82 -5.75
N ALA A 477 26.18 2.16 -5.05
CA ALA A 477 25.04 1.53 -5.71
C ALA A 477 23.97 2.52 -6.15
N ASN A 478 23.87 3.69 -5.50
CA ASN A 478 22.79 4.64 -5.71
C ASN A 478 23.31 6.04 -6.08
N PRO A 479 23.97 6.19 -7.25
CA PRO A 479 24.34 7.57 -7.66
C PRO A 479 23.12 8.49 -7.70
N VAL A 480 23.25 9.71 -7.23
CA VAL A 480 22.13 10.60 -7.07
C VAL A 480 22.17 11.73 -8.12
N PRO A 481 21.04 12.12 -8.67
CA PRO A 481 20.99 13.27 -9.60
C PRO A 481 21.05 14.57 -8.84
N GLN A 482 21.54 15.62 -9.55
CA GLN A 482 21.60 16.91 -8.96
C GLN A 482 20.25 17.41 -8.37
N ALA A 483 19.13 17.09 -9.06
CA ALA A 483 17.85 17.58 -8.55
C ALA A 483 17.53 16.96 -7.18
N TRP A 484 18.01 15.74 -6.94
CA TRP A 484 17.82 15.11 -5.60
C TRP A 484 18.67 15.83 -4.56
N SER A 485 19.95 16.11 -4.93
CA SER A 485 20.88 16.84 -4.04
C SER A 485 20.36 18.25 -3.68
N ASP A 486 19.59 18.83 -4.57
CA ASP A 486 18.98 20.14 -4.35
C ASP A 486 17.76 20.12 -3.41
N LEU A 487 17.15 18.95 -3.19
CA LEU A 487 15.88 18.93 -2.40
C LEU A 487 16.01 19.41 -0.93
N CYS A 488 16.98 18.88 -0.21
CA CYS A 488 17.09 19.26 1.22
C CYS A 488 17.49 20.75 1.40
N PRO A 489 18.46 21.26 0.57
CA PRO A 489 18.74 22.74 0.70
C PRO A 489 17.49 23.60 0.45
N ALA A 490 16.71 23.22 -0.56
CA ALA A 490 15.48 24.00 -0.87
C ALA A 490 14.45 23.90 0.24
N TYR A 491 14.26 22.67 0.77
CA TYR A 491 13.24 22.41 1.77
C TYR A 491 13.64 23.14 3.07
N ASP A 492 14.88 22.97 3.47
CA ASP A 492 15.32 23.58 4.71
C ASP A 492 15.33 25.14 4.62
N GLN A 493 15.69 25.69 3.49
CA GLN A 493 15.60 27.18 3.28
C GLN A 493 14.14 27.61 3.44
N ALA A 494 13.22 26.91 2.74
CA ALA A 494 11.78 27.28 2.80
C ALA A 494 11.20 27.18 4.16
N HIS A 495 11.67 26.29 5.02
CA HIS A 495 11.10 26.05 6.35
C HIS A 495 11.94 26.64 7.49
N ASN A 496 12.97 27.41 7.09
CA ASN A 496 13.92 27.99 8.06
C ASN A 496 14.51 26.96 9.03
N ILE A 497 15.00 25.85 8.47
CA ILE A 497 15.62 24.79 9.24
C ILE A 497 17.13 24.82 9.09
N SER A 498 17.85 24.66 10.22
CA SER A 498 19.36 24.59 10.25
C SER A 498 20.00 23.16 10.16
N ALA A 499 20.89 22.95 9.18
CA ALA A 499 21.49 21.63 8.82
C ALA A 499 22.61 21.89 7.79
C1 NAG B . 8.72 -15.83 17.43
C2 NAG B . 8.63 -16.06 18.97
C3 NAG B . 9.97 -15.65 19.59
C4 NAG B . 11.11 -16.41 18.89
C5 NAG B . 10.97 -16.14 17.34
C6 NAG B . 12.06 -16.89 16.53
C7 NAG B . 6.36 -15.67 19.88
C8 NAG B . 5.44 -14.66 20.56
N2 NAG B . 7.56 -15.25 19.58
O3 NAG B . 9.90 -16.07 21.00
O4 NAG B . 12.38 -15.89 19.25
O5 NAG B . 9.72 -16.59 16.87
O6 NAG B . 11.88 -16.63 15.10
O7 NAG B . 5.94 -16.80 19.65
C1 NAG B . 13.12 -16.57 20.30
C2 NAG B . 14.63 -16.36 19.96
C3 NAG B . 15.42 -16.93 21.19
C4 NAG B . 14.75 -16.51 22.56
C5 NAG B . 13.20 -16.56 22.67
C6 NAG B . 12.61 -15.84 23.90
C7 NAG B . 14.88 -18.39 18.33
C7 NAG B . 15.71 -15.35 17.86
C8 NAG B . 14.38 -19.44 19.29
C8 NAG B . 16.01 -15.52 16.37
N2 NAG B . 14.96 -17.09 18.67
N2 NAG B . 15.13 -16.39 18.49
O3 NAG B . 16.76 -16.44 21.07
O4 NAG B . 15.24 -17.25 23.72
O5 NAG B . 12.64 -15.95 21.51
O6 NAG B . 11.22 -15.62 23.71
O7 NAG B . 15.19 -18.78 17.20
O7 NAG B . 15.97 -14.26 18.37
C1 BMA B . 15.71 -16.35 24.79
C2 BMA B . 15.71 -17.11 26.10
C3 BMA B . 16.32 -16.31 27.25
C4 BMA B . 17.70 -15.83 26.79
C5 BMA B . 17.64 -15.06 25.48
C6 BMA B . 19.07 -14.82 25.05
O2 BMA B . 16.57 -18.21 25.82
O3 BMA B . 16.43 -17.17 28.41
O4 BMA B . 18.31 -14.93 27.71
O5 BMA B . 17.01 -15.87 24.48
O6 BMA B . 19.07 -14.12 23.82
C1 NAG C . -1.54 -23.71 8.69
C2 NAG C . -2.56 -24.29 7.70
C3 NAG C . -1.98 -25.57 7.15
C4 NAG C . -0.58 -25.36 6.56
C5 NAG C . 0.33 -24.63 7.55
C6 NAG C . 1.66 -24.26 6.95
C7 NAG C . -5.00 -24.16 7.97
C8 NAG C . -6.18 -24.51 8.89
N2 NAG C . -3.80 -24.50 8.46
O3 NAG C . -2.89 -26.06 6.18
O4 NAG C . 0.05 -26.67 6.39
O5 NAG C . -0.33 -23.41 7.99
O6 NAG C . 1.52 -23.34 5.85
O7 NAG C . -5.16 -23.72 6.82
C1 NAG C . 0.17 -27.15 5.07
C2 NAG C . 1.30 -28.21 5.11
C3 NAG C . 1.42 -28.81 3.73
C4 NAG C . 0.03 -29.19 3.18
C5 NAG C . -0.93 -28.00 3.36
C6 NAG C . -2.35 -28.17 2.81
C7 NAG C . 3.07 -27.83 6.75
C8 NAG C . 4.45 -27.29 7.07
N2 NAG C . 2.61 -27.71 5.54
O3 NAG C . 2.31 -29.94 3.79
O4 NAG C . 0.22 -29.50 1.79
O5 NAG C . -1.08 -27.69 4.73
O6 NAG C . -2.90 -29.33 3.42
O7 NAG C . 2.43 -28.37 7.67
C1 BMA C . -0.34 -30.79 1.53
C2 BMA C . -1.22 -30.72 0.30
C3 BMA C . -1.74 -32.09 -0.07
C4 BMA C . -0.51 -32.89 -0.38
C5 BMA C . 0.43 -32.97 0.80
C6 BMA C . 1.71 -33.49 0.18
O2 BMA C . -0.39 -30.20 -0.73
O3 BMA C . -2.59 -31.99 -1.22
O4 BMA C . -0.92 -34.21 -0.75
O5 BMA C . 0.74 -31.68 1.38
O6 BMA C . 2.63 -33.80 1.22
CU CU D . 5.90 3.01 2.92
CU CU D . 6.36 3.27 3.51
CU CU E . 3.09 2.01 0.91
CU CU E . 2.37 1.95 0.30
CU CU F . 6.35 0.68 -0.04
CU CU G . -0.75 -0.66 12.79
O1 OXY H . 4.74 2.53 2.15
O2 OXY H . 4.01 3.28 2.75
O1 OXY I . 2.58 5.06 3.99
O2 OXY I . 2.86 6.25 3.88
C1 CIT J . -34.84 -11.97 -5.11
O1 CIT J . -36.07 -12.14 -4.90
O2 CIT J . -34.43 -10.89 -5.61
C2 CIT J . -33.87 -13.08 -4.76
C3 CIT J . -32.38 -12.71 -4.96
O7 CIT J . -32.03 -11.75 -3.91
C4 CIT J . -31.53 -13.99 -4.87
C5 CIT J . -30.04 -13.79 -5.20
O3 CIT J . -29.26 -13.28 -4.35
O4 CIT J . -29.66 -14.11 -6.39
C6 CIT J . -32.10 -12.14 -6.35
O5 CIT J . -32.50 -12.76 -7.37
O6 CIT J . -31.48 -11.04 -6.49
NA NA K . 15.06 -23.14 0.46
#